data_8RV4
#
_entry.id   8RV4
#
_cell.length_a   168.545
_cell.length_b   168.545
_cell.length_c   52.174
_cell.angle_alpha   90.000
_cell.angle_beta   90.000
_cell.angle_gamma   120.000
#
_symmetry.space_group_name_H-M   'P 31 2 1'
#
loop_
_entity.id
_entity.type
_entity.pdbx_description
1 polymer "2'-O-methyltransferase nsp16"
2 polymer 'Non-structural protein 10'
3 non-polymer '2-(N-MORPHOLINO)-ETHANESULFONIC ACID'
4 non-polymer '5-[[(2~{S},3~{S},4~{R},5~{R})-5-(6-aminopurin-9-yl)-3,4-bis(oxidanyl)oxolan-2-yl]methylsulfanylmethyl]-2-phenyl-benzoic acid'
5 non-polymer 'ZINC ION'
6 water water
#
loop_
_entity_poly.entity_id
_entity_poly.type
_entity_poly.pdbx_seq_one_letter_code
_entity_poly.pdbx_strand_id
1 'polypeptide(L)'
;GSMASSQAWQPGVAMPNLYKMQRMLLEKCDLQNYGDSATLPKGIMMNVAKYTQLCQYLNTLTLAVPYNMRVIHFGAGSDK
GVAPGTAVLRQWLPTGTLLVDSDLNDFVSDADSTLIGDCATVHTANKWDLIISDMYDPKTKNVTKENDSKEGFFTYICGF
IQQKLALGGSVAIKITEHSWNADLYKLMGHFAWWTAFVTNVNASSSEAFLIGCNYLGKPREQIDGYVMHANYIFWRNTNP
IQLSSYSLFDMSKFPLKLRGTAVMSLKEGQINDMILSLLSKGRLIIRENNRVVISSDVLVNN
;
A
2 'polypeptide(L)'
;GSMAGNATEVPANSTVLSFCAFAVDAAKAYKDYLASGGQPITNCVKMLCTHTGTGQAITVTPEANMDQESFGGASCCLYC
RCHIDHPNPKGFCDLKGKYVQIPTTCANDPVGFTLKNTVCTVCGMWKGYGCSCDQLREPMLQ
;
B
#
# COMPACT_ATOMS: atom_id res chain seq x y z
N SER A 5 -27.95 1.36 4.55
CA SER A 5 -26.51 1.34 4.28
C SER A 5 -25.80 2.45 5.09
N SER A 6 -25.74 2.26 6.42
CA SER A 6 -24.75 2.98 7.20
C SER A 6 -23.32 2.62 6.79
N GLN A 7 -23.17 1.62 5.89
CA GLN A 7 -21.89 1.26 5.31
C GLN A 7 -21.20 2.42 4.60
N ALA A 8 -21.96 3.42 4.13
CA ALA A 8 -21.36 4.45 3.29
C ALA A 8 -20.35 5.31 4.06
N TRP A 9 -20.42 5.31 5.39
CA TRP A 9 -19.47 6.07 6.20
C TRP A 9 -18.29 5.22 6.64
N GLN A 10 -18.29 3.93 6.34
CA GLN A 10 -17.14 3.08 6.60
C GLN A 10 -16.09 3.25 5.49
N PRO A 11 -14.85 2.82 5.72
CA PRO A 11 -13.90 2.77 4.61
C PRO A 11 -14.28 1.75 3.53
N GLY A 12 -15.09 0.75 3.88
CA GLY A 12 -15.46 -0.30 2.94
C GLY A 12 -16.35 -1.33 3.63
N VAL A 13 -16.51 -2.47 2.98
CA VAL A 13 -17.42 -3.50 3.46
C VAL A 13 -16.67 -4.82 3.45
N ALA A 14 -16.67 -5.50 4.58
CA ALA A 14 -16.07 -6.82 4.69
C ALA A 14 -17.13 -7.91 4.48
N MET A 15 -16.69 -9.03 3.91
CA MET A 15 -17.57 -10.16 3.61
C MET A 15 -18.19 -10.71 4.89
N PRO A 16 -19.52 -10.66 5.04
CA PRO A 16 -20.14 -11.17 6.27
C PRO A 16 -19.89 -12.66 6.48
N ASN A 17 -19.73 -13.03 7.75
CA ASN A 17 -19.39 -14.41 8.10
C ASN A 17 -20.40 -15.41 7.56
N LEU A 18 -21.68 -15.07 7.54
CA LEU A 18 -22.67 -16.02 7.05
C LEU A 18 -22.41 -16.37 5.60
N TYR A 19 -21.83 -15.45 4.81
CA TYR A 19 -21.52 -15.79 3.42
C TYR A 19 -20.32 -16.71 3.34
N LYS A 20 -19.39 -16.63 4.31
CA LYS A 20 -18.24 -17.52 4.31
C LYS A 20 -18.67 -18.97 4.49
N MET A 21 -19.74 -19.21 5.27
CA MET A 21 -20.23 -20.54 5.61
C MET A 21 -21.06 -21.20 4.51
N GLN A 22 -21.25 -20.56 3.36
CA GLN A 22 -22.09 -21.16 2.35
C GLN A 22 -21.31 -22.18 1.53
N ARG A 23 -21.99 -22.82 0.59
CA ARG A 23 -21.39 -23.70 -0.41
C ARG A 23 -21.95 -23.38 -1.79
N MET A 24 -21.91 -22.12 -2.17
CA MET A 24 -22.36 -21.70 -3.49
C MET A 24 -21.46 -22.26 -4.58
N LEU A 25 -22.00 -22.28 -5.79
CA LEU A 25 -21.20 -22.60 -6.98
C LEU A 25 -20.86 -21.31 -7.71
N LEU A 26 -19.76 -21.36 -8.46
CA LEU A 26 -19.20 -20.14 -9.06
C LEU A 26 -20.12 -19.63 -10.16
N GLU A 27 -20.61 -18.41 -10.00
CA GLU A 27 -21.36 -17.72 -11.04
C GLU A 27 -20.53 -16.58 -11.61
N LYS A 28 -20.99 -16.06 -12.73
CA LYS A 28 -20.40 -14.85 -13.27
C LYS A 28 -20.69 -13.67 -12.33
N CYS A 29 -19.73 -12.77 -12.19
CA CYS A 29 -19.95 -11.65 -11.30
C CYS A 29 -20.65 -10.57 -12.11
N ASP A 30 -21.73 -10.03 -11.57
CA ASP A 30 -22.51 -9.02 -12.27
C ASP A 30 -22.96 -7.96 -11.26
N LEU A 31 -22.20 -6.87 -11.20
CA LEU A 31 -22.38 -5.89 -10.14
C LEU A 31 -23.40 -4.85 -10.55
N GLN A 32 -24.37 -4.62 -9.67
CA GLN A 32 -25.40 -3.62 -9.93
C GLN A 32 -24.79 -2.24 -10.21
N ASN A 33 -23.84 -1.82 -9.38
CA ASN A 33 -23.22 -0.51 -9.47
C ASN A 33 -22.02 -0.49 -10.41
N TYR A 34 -21.90 -1.49 -11.28
CA TYR A 34 -20.79 -1.55 -12.23
C TYR A 34 -20.81 -0.34 -13.15
N GLY A 35 -19.74 0.42 -13.16
CA GLY A 35 -19.63 1.58 -14.01
C GLY A 35 -19.90 2.90 -13.32
N ASP A 36 -20.56 2.89 -12.16
CA ASP A 36 -20.54 4.06 -11.30
C ASP A 36 -19.11 4.31 -10.79
N SER A 37 -18.87 5.56 -10.39
CA SER A 37 -17.61 5.99 -9.79
C SER A 37 -17.93 6.82 -8.56
N ALA A 38 -17.16 6.62 -7.49
CA ALA A 38 -17.20 7.57 -6.39
C ALA A 38 -16.57 8.88 -6.86
N THR A 39 -17.01 9.99 -6.30
CA THR A 39 -16.34 11.26 -6.56
C THR A 39 -15.29 11.44 -5.48
N LEU A 40 -14.04 11.40 -5.90
CA LEU A 40 -12.86 11.51 -5.08
C LEU A 40 -12.64 12.97 -4.70
N PRO A 41 -12.04 13.24 -3.54
CA PRO A 41 -11.66 14.63 -3.24
C PRO A 41 -10.82 15.19 -4.38
N LYS A 42 -10.87 16.51 -4.53
CA LYS A 42 -10.21 17.17 -5.64
C LYS A 42 -8.74 16.78 -5.74
N GLY A 43 -8.35 16.26 -6.91
CA GLY A 43 -6.96 15.92 -7.19
C GLY A 43 -6.43 14.69 -6.47
N ILE A 44 -7.29 13.81 -5.96
CA ILE A 44 -6.84 12.58 -5.32
C ILE A 44 -7.00 11.41 -6.30
N MET A 45 -5.92 10.64 -6.47
CA MET A 45 -5.90 9.44 -7.32
C MET A 45 -6.70 8.30 -6.71
N MET A 46 -7.21 7.42 -7.58
CA MET A 46 -7.89 6.20 -7.11
C MET A 46 -6.98 5.35 -6.23
N ASN A 47 -5.71 5.21 -6.61
CA ASN A 47 -4.84 4.34 -5.81
C ASN A 47 -4.58 4.91 -4.42
N VAL A 48 -4.58 6.23 -4.28
CA VAL A 48 -4.38 6.78 -2.94
C VAL A 48 -5.63 6.57 -2.09
N ALA A 49 -6.79 6.91 -2.66
CA ALA A 49 -8.07 6.69 -1.99
C ALA A 49 -8.26 5.23 -1.61
N LYS A 50 -7.93 4.31 -2.54
CA LYS A 50 -8.12 2.88 -2.30
C LYS A 50 -7.22 2.38 -1.17
N TYR A 51 -5.92 2.74 -1.21
CA TYR A 51 -5.04 2.30 -0.12
C TYR A 51 -5.36 2.99 1.21
N THR A 52 -5.81 4.23 1.17
CA THR A 52 -6.24 4.90 2.39
C THR A 52 -7.37 4.11 3.06
N GLN A 53 -8.38 3.71 2.27
CA GLN A 53 -9.51 2.98 2.83
C GLN A 53 -9.10 1.59 3.30
N LEU A 54 -8.15 0.96 2.59
CA LEU A 54 -7.64 -0.33 3.03
C LEU A 54 -6.97 -0.20 4.39
N CYS A 55 -6.08 0.79 4.54
CA CYS A 55 -5.43 1.00 5.83
C CYS A 55 -6.44 1.38 6.91
N GLN A 56 -7.43 2.20 6.57
CA GLN A 56 -8.47 2.55 7.54
C GLN A 56 -9.19 1.31 8.05
N TYR A 57 -9.48 0.36 7.16
CA TYR A 57 -10.10 -0.88 7.59
C TYR A 57 -9.13 -1.71 8.43
N LEU A 58 -7.86 -1.76 8.04
CA LEU A 58 -6.90 -2.55 8.79
C LEU A 58 -6.72 -1.98 10.20
N ASN A 59 -7.00 -0.68 10.40
CA ASN A 59 -6.94 -0.10 11.73
C ASN A 59 -7.96 -0.73 12.68
N THR A 60 -8.98 -1.43 12.17
CA THR A 60 -9.98 -2.05 13.02
C THR A 60 -9.66 -3.49 13.37
N LEU A 61 -8.53 -4.02 12.91
CA LEU A 61 -8.20 -5.40 13.18
C LEU A 61 -7.06 -5.47 14.18
N THR A 62 -6.84 -6.67 14.72
CA THR A 62 -5.79 -6.90 15.72
C THR A 62 -4.44 -7.16 15.06
N LEU A 63 -3.98 -6.18 14.28
CA LEU A 63 -2.65 -6.28 13.69
C LEU A 63 -1.57 -6.19 14.76
N ALA A 64 -0.56 -7.05 14.63
CA ALA A 64 0.65 -6.93 15.43
C ALA A 64 1.50 -5.78 14.88
N VAL A 65 1.92 -4.87 15.76
CA VAL A 65 2.69 -3.70 15.35
C VAL A 65 3.97 -3.64 16.19
N PRO A 66 4.98 -4.44 15.88
CA PRO A 66 6.20 -4.44 16.69
C PRO A 66 7.04 -3.19 16.45
N TYR A 67 7.96 -2.94 17.37
CA TYR A 67 9.05 -2.02 17.08
C TYR A 67 9.83 -2.56 15.89
N ASN A 68 10.30 -1.66 15.03
CA ASN A 68 11.00 -2.07 13.81
C ASN A 68 10.13 -3.03 13.00
N MET A 69 8.91 -2.58 12.73
CA MET A 69 8.00 -3.37 11.92
C MET A 69 8.55 -3.52 10.49
N ARG A 70 8.26 -4.66 9.88
CA ARG A 70 8.76 -5.03 8.55
C ARG A 70 7.58 -5.25 7.61
N VAL A 71 7.47 -4.42 6.58
CA VAL A 71 6.36 -4.48 5.64
C VAL A 71 6.91 -4.59 4.22
N ILE A 72 6.40 -5.55 3.45
CA ILE A 72 6.75 -5.67 2.03
C ILE A 72 5.51 -5.52 1.17
N HIS A 73 5.64 -4.75 0.10
CA HIS A 73 4.53 -4.33 -0.75
C HIS A 73 4.81 -4.76 -2.19
N PHE A 74 4.07 -5.76 -2.69
CA PHE A 74 4.21 -6.25 -4.07
C PHE A 74 3.22 -5.59 -5.03
N GLY A 75 3.66 -5.37 -6.25
CA GLY A 75 2.79 -4.76 -7.25
C GLY A 75 2.62 -3.27 -7.04
N ALA A 76 3.70 -2.59 -6.64
CA ALA A 76 3.63 -1.24 -6.12
C ALA A 76 3.80 -0.16 -7.18
N GLY A 77 4.21 -0.52 -8.39
CA GLY A 77 4.43 0.48 -9.43
C GLY A 77 3.14 0.86 -10.12
N SER A 78 3.07 2.07 -10.63
CA SER A 78 1.93 2.47 -11.42
C SER A 78 2.36 2.62 -12.88
N ASP A 79 1.37 2.82 -13.75
CA ASP A 79 1.60 3.08 -15.16
C ASP A 79 2.34 4.38 -15.40
N LYS A 80 2.42 5.26 -14.40
CA LYS A 80 3.16 6.50 -14.54
C LYS A 80 4.49 6.51 -13.80
N GLY A 81 4.92 5.38 -13.26
CA GLY A 81 6.27 5.28 -12.73
C GLY A 81 6.46 5.77 -11.32
N VAL A 82 5.36 5.91 -10.56
CA VAL A 82 5.43 6.27 -9.15
C VAL A 82 4.72 5.18 -8.34
N ALA A 83 4.67 5.34 -7.01
CA ALA A 83 4.09 4.32 -6.14
C ALA A 83 3.13 4.99 -5.16
N PRO A 84 1.89 5.25 -5.58
CA PRO A 84 0.94 5.90 -4.68
C PRO A 84 0.60 5.02 -3.48
N GLY A 85 0.46 3.71 -3.71
CA GLY A 85 0.11 2.82 -2.62
C GLY A 85 1.18 2.78 -1.55
N THR A 86 2.45 2.78 -1.98
CA THR A 86 3.54 2.80 -1.01
C THR A 86 3.52 4.07 -0.19
N ALA A 87 3.20 5.20 -0.83
CA ALA A 87 3.17 6.48 -0.11
C ALA A 87 2.11 6.47 0.98
N VAL A 88 0.95 5.85 0.71
CA VAL A 88 -0.07 5.70 1.76
C VAL A 88 0.41 4.75 2.83
N LEU A 89 1.14 3.69 2.46
CA LEU A 89 1.67 2.78 3.47
C LEU A 89 2.68 3.49 4.37
N ARG A 90 3.64 4.21 3.79
CA ARG A 90 4.59 5.00 4.58
C ARG A 90 3.88 5.95 5.55
N GLN A 91 2.85 6.66 5.06
CA GLN A 91 2.05 7.55 5.90
C GLN A 91 1.39 6.80 7.04
N TRP A 92 0.86 5.62 6.77
CA TRP A 92 0.09 4.84 7.73
C TRP A 92 0.99 4.20 8.79
N LEU A 93 2.09 3.57 8.37
CA LEU A 93 2.94 2.77 9.23
C LEU A 93 3.75 3.66 10.17
N PRO A 94 4.04 3.18 11.39
CA PRO A 94 4.85 3.98 12.32
C PRO A 94 6.15 4.45 11.68
N THR A 95 6.56 5.67 12.05
CA THR A 95 7.86 6.18 11.61
C THR A 95 8.95 5.20 11.99
N GLY A 96 9.85 4.94 11.03
CA GLY A 96 10.92 3.97 11.19
C GLY A 96 10.58 2.56 10.76
N THR A 97 9.33 2.29 10.35
CA THR A 97 9.01 0.99 9.80
C THR A 97 9.84 0.73 8.55
N LEU A 98 10.44 -0.46 8.44
CA LEU A 98 11.11 -0.83 7.21
C LEU A 98 10.08 -1.28 6.19
N LEU A 99 10.01 -0.56 5.08
CA LEU A 99 9.04 -0.79 4.01
C LEU A 99 9.83 -1.09 2.74
N VAL A 100 9.63 -2.28 2.19
CA VAL A 100 10.20 -2.67 0.90
C VAL A 100 9.06 -2.84 -0.11
N ASP A 101 9.25 -2.34 -1.33
CA ASP A 101 8.25 -2.56 -2.35
C ASP A 101 8.89 -3.13 -3.63
N SER A 102 8.04 -3.60 -4.53
CA SER A 102 8.48 -4.33 -5.70
C SER A 102 7.43 -4.22 -6.80
N ASP A 103 7.91 -4.24 -8.04
CA ASP A 103 7.02 -4.36 -9.17
C ASP A 103 7.82 -4.86 -10.36
N LEU A 104 7.12 -5.42 -11.32
CA LEU A 104 7.75 -5.87 -12.56
C LEU A 104 8.36 -4.71 -13.34
N ASN A 105 7.75 -3.53 -13.28
CA ASN A 105 8.18 -2.41 -14.09
C ASN A 105 8.83 -1.33 -13.22
N ASP A 106 9.70 -0.55 -13.86
CA ASP A 106 10.49 0.43 -13.14
C ASP A 106 9.57 1.55 -12.63
N PHE A 107 9.84 2.00 -11.41
CA PHE A 107 9.09 3.09 -10.80
C PHE A 107 9.93 3.71 -9.71
N VAL A 108 9.59 4.95 -9.36
CA VAL A 108 10.25 5.62 -8.23
C VAL A 108 9.32 5.60 -7.02
N SER A 109 9.90 5.43 -5.83
CA SER A 109 9.15 5.03 -4.65
C SER A 109 9.70 5.67 -3.39
N ASP A 110 8.82 5.83 -2.41
CA ASP A 110 9.18 6.29 -1.07
C ASP A 110 9.58 5.16 -0.14
N ALA A 111 9.56 3.93 -0.62
CA ALA A 111 9.94 2.78 0.19
C ALA A 111 11.43 2.85 0.53
N ASP A 112 11.81 2.17 1.61
CA ASP A 112 13.22 2.13 2.01
C ASP A 112 14.05 1.42 0.96
N SER A 113 13.50 0.41 0.31
CA SER A 113 14.20 -0.24 -0.79
C SER A 113 13.19 -0.77 -1.80
N THR A 114 13.58 -0.76 -3.07
CA THR A 114 12.71 -1.17 -4.17
C THR A 114 13.43 -2.20 -5.03
N LEU A 115 12.76 -3.32 -5.30
CA LEU A 115 13.24 -4.34 -6.23
C LEU A 115 12.38 -4.33 -7.47
N ILE A 116 13.01 -4.23 -8.64
CA ILE A 116 12.32 -4.23 -9.94
C ILE A 116 12.48 -5.62 -10.56
N GLY A 117 11.39 -6.16 -11.10
CA GLY A 117 11.41 -7.49 -11.67
C GLY A 117 10.16 -8.29 -11.29
N ASP A 118 9.99 -9.45 -11.92
CA ASP A 118 8.93 -10.38 -11.56
C ASP A 118 9.10 -10.79 -10.10
N CYS A 119 7.98 -10.84 -9.36
CA CYS A 119 8.10 -11.08 -7.93
C CYS A 119 8.79 -12.42 -7.64
N ALA A 120 8.72 -13.37 -8.58
CA ALA A 120 9.36 -14.67 -8.37
C ALA A 120 10.88 -14.57 -8.26
N THR A 121 11.48 -13.50 -8.78
CA THR A 121 12.90 -13.24 -8.60
C THR A 121 13.24 -12.57 -7.25
N VAL A 122 12.25 -12.28 -6.38
CA VAL A 122 12.51 -11.60 -5.12
C VAL A 122 12.79 -12.62 -4.01
N HIS A 123 13.91 -12.46 -3.31
CA HIS A 123 14.25 -13.29 -2.16
C HIS A 123 14.62 -12.40 -0.98
N THR A 124 14.21 -12.82 0.21
CA THR A 124 14.56 -12.10 1.44
C THR A 124 15.06 -13.11 2.46
N ALA A 125 16.06 -12.69 3.24
CA ALA A 125 16.55 -13.57 4.31
C ALA A 125 15.53 -13.62 5.44
N ASN A 126 15.04 -12.45 5.85
CA ASN A 126 14.20 -12.27 7.02
C ASN A 126 12.72 -12.54 6.71
N LYS A 127 11.94 -12.66 7.79
CA LYS A 127 10.50 -12.75 7.74
C LYS A 127 9.89 -11.34 7.90
N TRP A 128 8.59 -11.24 7.60
CA TRP A 128 7.92 -9.95 7.51
C TRP A 128 6.70 -9.95 8.43
N ASP A 129 6.28 -8.75 8.81
CA ASP A 129 5.14 -8.58 9.71
C ASP A 129 3.85 -8.33 8.96
N LEU A 130 3.92 -7.77 7.76
CA LEU A 130 2.75 -7.40 7.00
C LEU A 130 3.14 -7.52 5.53
N ILE A 131 2.34 -8.24 4.74
CA ILE A 131 2.54 -8.38 3.30
C ILE A 131 1.33 -7.76 2.59
N ILE A 132 1.59 -6.79 1.71
CA ILE A 132 0.57 -6.12 0.90
C ILE A 132 0.84 -6.45 -0.56
N SER A 133 -0.19 -6.87 -1.29
CA SER A 133 -0.07 -7.17 -2.72
C SER A 133 -1.21 -6.52 -3.51
N ASP A 134 -0.82 -5.75 -4.51
CA ASP A 134 -1.71 -5.19 -5.51
C ASP A 134 -1.50 -5.85 -6.86
N MET A 135 -0.75 -6.93 -6.91
CA MET A 135 -0.46 -7.56 -8.18
C MET A 135 -1.75 -8.06 -8.82
N TYR A 136 -1.82 -7.90 -10.14
CA TYR A 136 -3.01 -8.22 -10.91
C TYR A 136 -2.60 -8.36 -12.38
N ASP A 137 -2.88 -9.51 -12.98
CA ASP A 137 -2.61 -9.72 -14.39
C ASP A 137 -3.87 -9.42 -15.19
N PRO A 138 -3.90 -8.36 -16.00
CA PRO A 138 -5.16 -8.00 -16.70
C PRO A 138 -5.59 -8.99 -17.77
N LYS A 139 -4.64 -9.78 -18.30
CA LYS A 139 -4.96 -10.93 -19.14
C LYS A 139 -5.98 -11.88 -18.51
N THR A 140 -6.09 -11.88 -17.17
CA THR A 140 -6.93 -12.88 -16.49
C THR A 140 -8.41 -12.68 -16.79
N LYS A 141 -8.84 -11.44 -17.10
CA LYS A 141 -10.24 -11.12 -17.40
C LYS A 141 -10.57 -11.57 -18.83
N ASN A 142 -10.67 -12.88 -19.01
CA ASN A 142 -11.23 -13.46 -20.23
C ASN A 142 -12.61 -14.00 -19.88
N VAL A 143 -13.65 -13.28 -20.30
CA VAL A 143 -15.04 -13.61 -19.97
C VAL A 143 -15.55 -14.84 -20.70
N THR A 144 -14.82 -15.33 -21.71
CA THR A 144 -15.30 -16.38 -22.62
C THR A 144 -14.70 -17.76 -22.33
N LYS A 145 -13.85 -17.89 -21.33
CA LYS A 145 -13.39 -19.19 -20.87
C LYS A 145 -13.73 -19.33 -19.38
N GLU A 146 -13.87 -20.56 -18.92
CA GLU A 146 -14.16 -20.83 -17.52
C GLU A 146 -13.17 -20.10 -16.62
N ASN A 147 -13.67 -19.70 -15.45
CA ASN A 147 -12.90 -18.95 -14.46
C ASN A 147 -12.31 -19.94 -13.46
N ASP A 148 -11.12 -20.45 -13.74
CA ASP A 148 -10.46 -21.36 -12.81
C ASP A 148 -9.41 -20.64 -11.96
N SER A 149 -8.94 -21.35 -10.93
CA SER A 149 -7.92 -20.81 -10.04
C SER A 149 -6.69 -20.46 -10.86
N LYS A 150 -6.12 -19.29 -10.61
CA LYS A 150 -4.99 -18.79 -11.39
C LYS A 150 -3.68 -19.06 -10.64
N GLU A 151 -2.62 -19.34 -11.39
CA GLU A 151 -1.37 -19.46 -10.66
C GLU A 151 -0.53 -18.21 -10.77
N GLY A 152 0.30 -18.10 -11.81
CA GLY A 152 1.25 -17.00 -11.90
C GLY A 152 1.82 -16.52 -10.56
N PHE A 153 1.72 -15.22 -10.31
CA PHE A 153 2.24 -14.62 -9.08
C PHE A 153 1.56 -15.15 -7.83
N PHE A 154 0.36 -15.72 -7.94
CA PHE A 154 -0.29 -16.28 -6.75
C PHE A 154 0.50 -17.46 -6.20
N THR A 155 1.15 -18.24 -7.06
CA THR A 155 1.95 -19.34 -6.55
C THR A 155 3.08 -18.79 -5.69
N TYR A 156 3.74 -17.75 -6.17
CA TYR A 156 4.80 -17.11 -5.39
C TYR A 156 4.27 -16.60 -4.06
N ILE A 157 3.10 -15.96 -4.08
CA ILE A 157 2.56 -15.32 -2.89
C ILE A 157 2.25 -16.36 -1.82
N CYS A 158 1.59 -17.46 -2.18
CA CYS A 158 1.35 -18.52 -1.18
C CYS A 158 2.65 -19.03 -0.58
N GLY A 159 3.65 -19.34 -1.43
CA GLY A 159 4.92 -19.77 -0.89
C GLY A 159 5.54 -18.70 -0.01
N PHE A 160 5.43 -17.43 -0.41
CA PHE A 160 6.08 -16.37 0.34
C PHE A 160 5.46 -16.23 1.72
N ILE A 161 4.14 -16.38 1.81
CA ILE A 161 3.46 -16.34 3.10
C ILE A 161 3.95 -17.47 3.99
N GLN A 162 3.96 -18.68 3.45
CA GLN A 162 4.30 -19.85 4.23
C GLN A 162 5.73 -19.81 4.75
N GLN A 163 6.67 -19.30 3.94
CA GLN A 163 8.09 -19.26 4.28
C GLN A 163 8.56 -17.97 4.92
N LYS A 164 7.95 -16.82 4.63
CA LYS A 164 8.55 -15.56 5.05
C LYS A 164 7.60 -14.64 5.80
N LEU A 165 6.43 -15.11 6.23
CA LEU A 165 5.54 -14.33 7.07
C LEU A 165 5.73 -14.73 8.53
N ALA A 166 6.02 -13.77 9.38
CA ALA A 166 6.15 -14.07 10.80
C ALA A 166 4.82 -14.58 11.34
N LEU A 167 4.89 -15.49 12.31
CA LEU A 167 3.71 -15.85 13.06
C LEU A 167 3.12 -14.60 13.71
N GLY A 168 1.81 -14.45 13.62
CA GLY A 168 1.18 -13.24 14.07
C GLY A 168 1.14 -12.13 13.04
N GLY A 169 1.90 -12.25 11.94
CA GLY A 169 1.85 -11.26 10.89
C GLY A 169 0.53 -11.31 10.12
N SER A 170 0.34 -10.36 9.22
CA SER A 170 -0.93 -10.21 8.52
C SER A 170 -0.67 -9.99 7.03
N VAL A 171 -1.69 -10.25 6.19
CA VAL A 171 -1.58 -10.03 4.75
C VAL A 171 -2.83 -9.33 4.22
N ALA A 172 -2.66 -8.65 3.08
CA ALA A 172 -3.79 -8.14 2.30
C ALA A 172 -3.43 -8.30 0.82
N ILE A 173 -4.14 -9.19 0.13
CA ILE A 173 -3.78 -9.61 -1.22
C ILE A 173 -4.95 -9.30 -2.15
N LYS A 174 -4.72 -8.44 -3.14
CA LYS A 174 -5.80 -8.08 -4.04
C LYS A 174 -6.24 -9.28 -4.89
N ILE A 175 -7.56 -9.45 -4.99
CA ILE A 175 -8.15 -10.41 -5.90
C ILE A 175 -9.24 -9.68 -6.68
N THR A 176 -9.77 -10.36 -7.68
CA THR A 176 -10.93 -9.93 -8.44
C THR A 176 -11.71 -11.18 -8.79
N GLU A 177 -12.78 -11.02 -9.59
CA GLU A 177 -13.56 -12.18 -10.04
C GLU A 177 -12.65 -13.24 -10.67
N HIS A 178 -11.81 -12.85 -11.63
CA HIS A 178 -10.98 -13.77 -12.40
C HIS A 178 -9.55 -13.88 -11.88
N SER A 179 -9.05 -12.88 -11.15
CA SER A 179 -7.71 -12.92 -10.54
C SER A 179 -7.86 -13.42 -9.10
N TRP A 180 -7.70 -14.72 -8.91
CA TRP A 180 -7.88 -15.34 -7.60
C TRP A 180 -7.17 -16.68 -7.61
N ASN A 181 -7.08 -17.32 -6.44
CA ASN A 181 -6.34 -18.57 -6.35
C ASN A 181 -6.84 -19.41 -5.19
N ALA A 182 -7.15 -20.69 -5.47
CA ALA A 182 -7.79 -21.53 -4.46
C ALA A 182 -6.87 -21.76 -3.26
N ASP A 183 -5.56 -21.90 -3.49
CA ASP A 183 -4.66 -22.12 -2.35
C ASP A 183 -4.55 -20.90 -1.44
N LEU A 184 -4.61 -19.69 -1.99
CA LEU A 184 -4.56 -18.50 -1.14
C LEU A 184 -5.76 -18.47 -0.19
N TYR A 185 -6.96 -18.74 -0.72
CA TYR A 185 -8.14 -18.90 0.13
C TYR A 185 -7.92 -19.96 1.20
N LYS A 186 -7.40 -21.12 0.81
CA LYS A 186 -7.14 -22.16 1.79
C LYS A 186 -6.15 -21.68 2.85
N LEU A 187 -5.13 -20.91 2.42
CA LEU A 187 -4.21 -20.31 3.37
C LEU A 187 -4.91 -19.36 4.36
N MET A 188 -6.01 -18.73 3.96
CA MET A 188 -6.71 -17.87 4.90
C MET A 188 -7.11 -18.64 6.16
N GLY A 189 -7.38 -19.94 6.05
CA GLY A 189 -7.68 -20.76 7.21
C GLY A 189 -6.49 -20.99 8.14
N HIS A 190 -5.30 -20.51 7.78
CA HIS A 190 -4.10 -20.59 8.60
C HIS A 190 -3.88 -19.33 9.41
N PHE A 191 -4.82 -18.39 9.37
CA PHE A 191 -4.78 -17.22 10.22
C PHE A 191 -5.88 -17.34 11.26
N ALA A 192 -5.75 -16.54 12.34
CA ALA A 192 -6.79 -16.52 13.37
C ALA A 192 -8.12 -15.99 12.82
N TRP A 193 -8.08 -15.14 11.81
CA TRP A 193 -9.26 -14.54 11.22
C TRP A 193 -8.93 -14.12 9.80
N TRP A 194 -9.96 -14.00 8.96
CA TRP A 194 -9.77 -13.64 7.57
C TRP A 194 -11.07 -13.02 7.05
N THR A 195 -10.94 -12.23 5.97
CA THR A 195 -12.13 -11.71 5.30
C THR A 195 -11.74 -11.33 3.88
N ALA A 196 -12.75 -10.95 3.09
CA ALA A 196 -12.58 -10.27 1.81
C ALA A 196 -13.13 -8.85 1.96
N PHE A 197 -12.26 -7.85 1.80
CA PHE A 197 -12.64 -6.46 2.05
C PHE A 197 -12.71 -5.68 0.75
N VAL A 198 -13.81 -4.97 0.57
CA VAL A 198 -14.08 -4.19 -0.63
C VAL A 198 -14.08 -2.72 -0.23
N THR A 199 -13.20 -1.92 -0.82
CA THR A 199 -13.17 -0.51 -0.48
C THR A 199 -14.39 0.20 -1.05
N ASN A 200 -14.89 1.19 -0.30
CA ASN A 200 -16.06 1.93 -0.77
C ASN A 200 -15.77 2.74 -2.04
N VAL A 201 -14.53 3.18 -2.26
CA VAL A 201 -14.27 3.99 -3.45
C VAL A 201 -14.27 3.14 -4.71
N ASN A 202 -13.95 1.84 -4.59
CA ASN A 202 -13.86 0.97 -5.76
C ASN A 202 -14.91 -0.13 -5.75
N ALA A 203 -16.02 0.09 -5.05
CA ALA A 203 -17.04 -0.92 -4.83
C ALA A 203 -17.79 -1.30 -6.09
N SER A 204 -17.61 -0.57 -7.19
CA SER A 204 -18.17 -0.96 -8.48
C SER A 204 -17.34 -2.04 -9.16
N SER A 205 -16.19 -2.38 -8.59
CA SER A 205 -15.30 -3.43 -9.06
C SER A 205 -15.44 -4.72 -8.26
N SER A 206 -15.20 -5.84 -8.95
CA SER A 206 -15.15 -7.12 -8.26
C SER A 206 -13.86 -7.30 -7.46
N GLU A 207 -12.96 -6.30 -7.46
CA GLU A 207 -11.76 -6.45 -6.64
C GLU A 207 -12.15 -6.47 -5.17
N ALA A 208 -11.37 -7.23 -4.41
CA ALA A 208 -11.38 -7.19 -2.96
C ALA A 208 -9.95 -7.42 -2.51
N PHE A 209 -9.67 -7.09 -1.26
CA PHE A 209 -8.44 -7.53 -0.63
C PHE A 209 -8.75 -8.71 0.28
N LEU A 210 -8.17 -9.87 -0.03
CA LEU A 210 -8.18 -11.00 0.89
C LEU A 210 -7.24 -10.69 2.04
N ILE A 211 -7.79 -10.55 3.24
CA ILE A 211 -7.04 -10.13 4.42
C ILE A 211 -6.90 -11.33 5.35
N GLY A 212 -5.67 -11.74 5.63
CA GLY A 212 -5.40 -12.73 6.66
C GLY A 212 -4.82 -12.03 7.89
N CYS A 213 -5.47 -12.23 9.03
CA CYS A 213 -5.14 -11.47 10.22
C CYS A 213 -4.51 -12.41 11.24
N ASN A 214 -3.25 -12.13 11.64
CA ASN A 214 -2.53 -12.92 12.65
C ASN A 214 -2.23 -14.37 12.24
N TYR A 215 -1.15 -14.54 11.46
CA TYR A 215 -0.74 -15.85 10.93
C TYR A 215 -0.38 -16.85 12.02
N LEU A 216 -0.89 -18.08 11.89
CA LEU A 216 -0.68 -19.11 12.89
C LEU A 216 0.19 -20.26 12.41
N GLY A 217 0.50 -20.33 11.12
CA GLY A 217 1.41 -21.32 10.58
C GLY A 217 0.87 -22.73 10.44
N LYS A 218 -0.33 -23.00 10.94
CA LYS A 218 -1.01 -24.28 10.85
C LYS A 218 -2.44 -24.01 10.42
N PRO A 219 -3.12 -25.00 9.85
CA PRO A 219 -4.56 -24.80 9.55
C PRO A 219 -5.36 -24.66 10.83
N ARG A 220 -6.02 -23.52 11.00
CA ARG A 220 -7.01 -23.39 12.07
C ARG A 220 -8.37 -23.92 11.63
N GLU A 221 -8.69 -23.75 10.35
CA GLU A 221 -9.89 -24.33 9.77
CA GLU A 221 -9.90 -24.31 9.75
C GLU A 221 -9.56 -24.74 8.33
N GLN A 222 -10.29 -25.73 7.84
CA GLN A 222 -10.09 -26.18 6.47
C GLN A 222 -11.02 -25.37 5.59
N ILE A 223 -10.46 -24.77 4.54
CA ILE A 223 -11.22 -23.94 3.63
C ILE A 223 -11.02 -24.47 2.22
N ASP A 224 -12.11 -24.73 1.53
CA ASP A 224 -12.08 -25.10 0.12
C ASP A 224 -12.05 -23.82 -0.72
N GLY A 225 -10.94 -23.58 -1.40
CA GLY A 225 -10.74 -22.31 -2.08
C GLY A 225 -11.65 -22.09 -3.27
N TYR A 226 -12.05 -23.18 -3.97
CA TYR A 226 -12.99 -22.99 -5.06
C TYR A 226 -14.37 -22.61 -4.54
N VAL A 227 -14.82 -23.24 -3.47
CA VAL A 227 -16.10 -22.89 -2.86
C VAL A 227 -16.07 -21.48 -2.30
N MET A 228 -14.96 -21.09 -1.66
CA MET A 228 -14.96 -19.81 -0.97
C MET A 228 -14.99 -18.66 -1.96
N HIS A 229 -14.33 -18.79 -3.10
CA HIS A 229 -14.40 -17.72 -4.09
C HIS A 229 -15.79 -17.61 -4.68
N ALA A 230 -16.45 -18.76 -4.92
CA ALA A 230 -17.85 -18.75 -5.31
C ALA A 230 -18.70 -18.06 -4.25
N ASN A 231 -18.44 -18.35 -2.97
CA ASN A 231 -19.15 -17.62 -1.92
C ASN A 231 -18.91 -16.13 -2.03
N TYR A 232 -17.67 -15.72 -2.30
CA TYR A 232 -17.35 -14.30 -2.38
C TYR A 232 -18.11 -13.64 -3.53
N ILE A 233 -18.13 -14.29 -4.70
CA ILE A 233 -18.86 -13.75 -5.84
C ILE A 233 -20.36 -13.69 -5.57
N PHE A 234 -20.90 -14.70 -4.90
CA PHE A 234 -22.30 -14.68 -4.52
C PHE A 234 -22.60 -13.48 -3.62
N TRP A 235 -21.79 -13.27 -2.59
CA TRP A 235 -21.96 -12.10 -1.72
C TRP A 235 -21.95 -10.81 -2.53
N ARG A 236 -20.92 -10.62 -3.34
CA ARG A 236 -20.84 -9.43 -4.19
C ARG A 236 -22.05 -9.30 -5.11
N ASN A 237 -22.50 -10.41 -5.72
CA ASN A 237 -23.62 -10.36 -6.67
C ASN A 237 -24.93 -9.95 -6.02
N THR A 238 -25.14 -10.27 -4.74
CA THR A 238 -26.43 -10.05 -4.11
C THR A 238 -26.41 -8.91 -3.10
N ASN A 239 -25.30 -8.20 -2.97
CA ASN A 239 -25.14 -7.16 -1.96
C ASN A 239 -24.48 -5.95 -2.60
N PRO A 240 -25.24 -5.16 -3.34
CA PRO A 240 -24.67 -3.95 -3.96
C PRO A 240 -24.08 -3.04 -2.89
N ILE A 241 -22.84 -2.62 -3.10
CA ILE A 241 -22.19 -1.69 -2.18
C ILE A 241 -22.25 -0.31 -2.81
N GLN A 242 -22.83 0.64 -2.08
CA GLN A 242 -22.91 2.02 -2.55
C GLN A 242 -21.52 2.65 -2.56
N LEU A 243 -21.10 3.13 -3.73
CA LEU A 243 -19.83 3.82 -3.83
C LEU A 243 -19.78 4.99 -2.87
N SER A 244 -18.65 5.15 -2.20
CA SER A 244 -18.58 6.26 -1.26
C SER A 244 -17.12 6.62 -0.97
N SER A 245 -16.86 7.92 -0.88
CA SER A 245 -15.54 8.41 -0.48
C SER A 245 -15.59 9.10 0.87
N TYR A 246 -16.68 8.93 1.64
CA TYR A 246 -16.86 9.68 2.87
CA TYR A 246 -16.86 9.67 2.88
C TYR A 246 -15.66 9.57 3.80
N SER A 247 -15.15 8.34 4.00
CA SER A 247 -14.15 8.15 5.05
C SER A 247 -12.86 8.86 4.72
N LEU A 248 -12.65 9.23 3.45
CA LEU A 248 -11.43 9.88 3.04
C LEU A 248 -11.29 11.26 3.65
N PHE A 249 -12.40 11.86 4.10
CA PHE A 249 -12.38 13.22 4.61
C PHE A 249 -12.03 13.32 6.08
N ASP A 250 -11.89 12.19 6.78
CA ASP A 250 -11.54 12.21 8.20
C ASP A 250 -10.33 11.33 8.38
N MET A 251 -9.17 11.96 8.44
CA MET A 251 -7.87 11.32 8.56
C MET A 251 -7.27 11.50 9.95
N SER A 252 -8.05 12.01 10.90
CA SER A 252 -7.49 12.41 12.19
C SER A 252 -6.99 11.21 12.97
N LYS A 253 -7.56 10.03 12.73
CA LYS A 253 -7.11 8.82 13.40
C LYS A 253 -6.56 7.78 12.43
N PHE A 254 -5.92 8.22 11.35
CA PHE A 254 -5.40 7.32 10.31
C PHE A 254 -4.18 6.48 10.74
N PRO A 255 -3.15 7.06 11.38
CA PRO A 255 -1.92 6.30 11.63
C PRO A 255 -2.14 4.97 12.36
N LEU A 256 -1.44 3.94 11.88
CA LEU A 256 -1.48 2.66 12.57
C LEU A 256 -0.98 2.82 14.00
N LYS A 257 -1.72 2.28 14.96
CA LYS A 257 -1.41 2.49 16.37
C LYS A 257 -0.14 1.74 16.75
N LEU A 258 0.81 2.44 17.37
CA LEU A 258 2.04 1.80 17.83
C LEU A 258 1.70 0.93 19.04
N ARG A 259 1.79 -0.39 18.89
CA ARG A 259 1.43 -1.30 19.96
C ARG A 259 2.65 -1.86 20.69
N GLY A 260 3.85 -1.65 20.14
CA GLY A 260 5.07 -2.21 20.68
C GLY A 260 5.03 -3.71 20.86
N THR A 261 4.27 -4.38 19.99
CA THR A 261 4.04 -5.82 20.10
C THR A 261 5.36 -6.56 20.29
N ALA A 262 5.36 -7.52 21.20
CA ALA A 262 6.55 -8.29 21.48
C ALA A 262 6.95 -9.15 20.30
N VAL A 263 8.26 -9.21 20.05
CA VAL A 263 8.87 -10.14 19.09
C VAL A 263 9.62 -11.18 19.90
N MET A 264 9.43 -12.46 19.56
CA MET A 264 10.18 -13.55 20.15
C MET A 264 10.66 -14.45 19.02
N SER A 265 11.81 -15.08 19.23
CA SER A 265 12.23 -16.17 18.36
C SER A 265 11.90 -17.47 19.07
N LEU A 266 11.23 -18.38 18.37
CA LEU A 266 10.82 -19.65 18.97
C LEU A 266 10.90 -20.75 17.93
N LYS A 267 11.21 -21.96 18.39
CA LYS A 267 11.21 -23.13 17.51
C LYS A 267 9.82 -23.75 17.50
N GLU A 268 9.58 -24.61 16.51
CA GLU A 268 8.23 -25.11 16.27
C GLU A 268 7.68 -25.91 17.45
N GLY A 269 8.55 -26.50 18.26
CA GLY A 269 8.09 -27.35 19.35
C GLY A 269 7.60 -26.61 20.57
N GLN A 270 7.98 -25.35 20.75
CA GLN A 270 7.58 -24.57 21.91
C GLN A 270 6.48 -23.55 21.60
N ILE A 271 5.81 -23.69 20.46
CA ILE A 271 4.61 -22.91 20.18
C ILE A 271 3.42 -23.74 20.65
N ASN A 272 2.98 -23.45 21.87
CA ASN A 272 1.95 -24.16 22.59
C ASN A 272 0.58 -23.59 22.20
N ASP A 273 -0.47 -24.02 22.91
CA ASP A 273 -1.76 -23.38 22.75
C ASP A 273 -1.79 -21.99 23.36
N MET A 274 -0.89 -21.72 24.31
CA MET A 274 -0.83 -20.41 24.94
C MET A 274 -0.23 -19.37 24.01
N ILE A 275 0.85 -19.73 23.32
CA ILE A 275 1.44 -18.88 22.29
C ILE A 275 0.45 -18.67 21.15
N LEU A 276 -0.21 -19.74 20.72
CA LEU A 276 -1.22 -19.61 19.68
C LEU A 276 -2.28 -18.59 20.05
N SER A 277 -2.68 -18.54 21.33
CA SER A 277 -3.69 -17.58 21.75
C SER A 277 -3.16 -16.15 21.73
N LEU A 278 -1.89 -15.97 22.11
CA LEU A 278 -1.26 -14.66 22.00
C LEU A 278 -1.14 -14.22 20.55
N LEU A 279 -0.71 -15.13 19.67
CA LEU A 279 -0.69 -14.85 18.24
C LEU A 279 -2.08 -14.44 17.75
N SER A 280 -3.11 -15.20 18.12
CA SER A 280 -4.47 -14.95 17.66
C SER A 280 -4.99 -13.60 18.08
N LYS A 281 -4.46 -13.01 19.15
CA LYS A 281 -4.95 -11.74 19.65
C LYS A 281 -4.11 -10.57 19.19
N GLY A 282 -3.17 -10.77 18.28
CA GLY A 282 -2.37 -9.66 17.83
C GLY A 282 -1.38 -9.15 18.85
N ARG A 283 -0.94 -10.01 19.78
CA ARG A 283 -0.04 -9.60 20.86
C ARG A 283 1.35 -10.23 20.75
N LEU A 284 1.65 -10.95 19.67
CA LEU A 284 2.93 -11.64 19.59
C LEU A 284 3.39 -11.77 18.14
N ILE A 285 4.65 -11.45 17.88
CA ILE A 285 5.30 -11.74 16.60
C ILE A 285 6.42 -12.74 16.85
N ILE A 286 6.45 -13.81 16.07
CA ILE A 286 7.50 -14.81 16.18
C ILE A 286 8.31 -14.76 14.90
N ARG A 287 9.55 -14.29 15.04
CA ARG A 287 10.57 -14.27 13.98
C ARG A 287 11.86 -13.81 14.64
N GLU A 288 12.96 -14.00 13.92
CA GLU A 288 14.21 -13.43 14.37
C GLU A 288 14.21 -11.92 14.13
N ASN A 289 15.19 -11.24 14.71
CA ASN A 289 15.25 -9.80 14.54
C ASN A 289 16.63 -9.38 14.05
N ASN A 290 17.18 -10.16 13.13
CA ASN A 290 18.46 -9.88 12.51
C ASN A 290 18.29 -8.73 11.51
N ARG A 291 19.34 -8.47 10.73
CA ARG A 291 19.28 -7.46 9.70
C ARG A 291 18.36 -7.91 8.56
N VAL A 292 17.75 -6.92 7.90
CA VAL A 292 16.87 -7.16 6.78
C VAL A 292 17.68 -7.12 5.48
N VAL A 293 17.74 -8.25 4.78
CA VAL A 293 18.53 -8.41 3.57
C VAL A 293 17.66 -8.99 2.47
N ILE A 294 17.63 -8.32 1.32
CA ILE A 294 16.77 -8.71 0.22
C ILE A 294 17.61 -8.75 -1.05
N SER A 295 17.12 -9.48 -2.05
CA SER A 295 17.85 -9.48 -3.31
C SER A 295 16.90 -9.83 -4.44
N SER A 296 17.32 -9.48 -5.65
CA SER A 296 16.58 -9.79 -6.86
C SER A 296 17.47 -10.67 -7.72
N ASP A 297 16.97 -11.85 -8.10
CA ASP A 297 17.71 -12.73 -9.02
C ASP A 297 17.73 -12.14 -10.42
N VAL A 298 18.91 -12.12 -11.05
CA VAL A 298 19.10 -11.57 -12.39
C VAL A 298 19.60 -12.68 -13.30
N LEU A 299 18.83 -12.98 -14.34
CA LEU A 299 19.23 -13.96 -15.34
C LEU A 299 20.17 -13.31 -16.35
N VAL A 300 21.32 -13.94 -16.57
CA VAL A 300 22.30 -13.40 -17.49
C VAL A 300 22.22 -14.18 -18.80
N ASN A 301 22.25 -13.44 -19.92
CA ASN A 301 22.10 -14.03 -21.24
C ASN A 301 22.72 -13.07 -22.26
N ASN A 302 22.71 -13.48 -23.53
CA ASN A 302 23.28 -12.66 -24.60
C ASN A 302 22.26 -11.65 -25.13
N ALA B 21 34.44 18.20 -18.15
CA ALA B 21 33.70 19.10 -17.28
C ALA B 21 32.20 19.06 -17.59
N PHE B 22 31.79 18.19 -18.51
CA PHE B 22 30.39 18.13 -18.92
C PHE B 22 29.53 17.45 -17.87
N ALA B 23 28.40 18.07 -17.55
CA ALA B 23 27.40 17.53 -16.65
C ALA B 23 26.04 17.94 -17.18
N VAL B 24 25.10 17.00 -17.20
CA VAL B 24 23.72 17.34 -17.53
C VAL B 24 23.15 18.23 -16.42
N ASP B 25 22.44 19.30 -16.81
CA ASP B 25 21.83 20.23 -15.86
C ASP B 25 20.30 20.16 -16.01
N ALA B 26 19.68 19.23 -15.30
CA ALA B 26 18.25 19.01 -15.48
C ALA B 26 17.42 20.09 -14.80
N ALA B 27 17.88 20.56 -13.64
CA ALA B 27 17.22 21.67 -12.96
C ALA B 27 17.07 22.86 -13.91
N LYS B 28 18.17 23.26 -14.55
CA LYS B 28 18.10 24.38 -15.49
C LYS B 28 17.24 24.03 -16.70
N ALA B 29 17.32 22.79 -17.18
CA ALA B 29 16.52 22.41 -18.34
C ALA B 29 15.03 22.46 -18.04
N TYR B 30 14.63 22.02 -16.84
CA TYR B 30 13.22 22.03 -16.49
C TYR B 30 12.73 23.46 -16.30
N LYS B 31 13.47 24.26 -15.53
CA LYS B 31 13.12 25.68 -15.37
C LYS B 31 12.92 26.36 -16.71
N ASP B 32 13.76 26.02 -17.70
CA ASP B 32 13.62 26.63 -19.02
C ASP B 32 12.42 26.09 -19.78
N TYR B 33 12.10 24.79 -19.63
CA TYR B 33 10.91 24.25 -20.26
C TYR B 33 9.64 24.82 -19.64
N LEU B 34 9.68 25.13 -18.35
CA LEU B 34 8.53 25.80 -17.72
C LEU B 34 8.36 27.20 -18.26
N ALA B 35 9.46 27.96 -18.34
CA ALA B 35 9.40 29.32 -18.88
C ALA B 35 8.90 29.32 -20.32
N SER B 36 9.30 28.32 -21.11
CA SER B 36 8.81 28.20 -22.49
C SER B 36 7.31 27.94 -22.56
N GLY B 37 6.62 27.78 -21.44
CA GLY B 37 5.21 27.44 -21.48
C GLY B 37 4.94 25.95 -21.60
N GLY B 38 5.73 25.13 -20.91
CA GLY B 38 5.55 23.70 -20.92
C GLY B 38 4.66 23.19 -19.80
N GLN B 39 3.98 22.08 -20.05
CA GLN B 39 3.11 21.46 -19.05
C GLN B 39 3.95 20.85 -17.94
N PRO B 40 3.79 21.26 -16.68
CA PRO B 40 4.62 20.74 -15.59
C PRO B 40 4.52 19.22 -15.45
N ILE B 41 5.51 18.64 -14.77
CA ILE B 41 5.47 17.21 -14.47
C ILE B 41 4.21 16.89 -13.69
N THR B 42 3.49 15.85 -14.10
CA THR B 42 2.24 15.45 -13.49
C THR B 42 2.44 14.17 -12.68
N ASN B 43 1.35 13.72 -12.07
CA ASN B 43 1.24 12.47 -11.31
C ASN B 43 2.11 12.46 -10.06
N CYS B 44 2.51 13.63 -9.57
CA CYS B 44 2.92 13.73 -8.19
C CYS B 44 1.83 13.16 -7.28
N VAL B 45 2.23 12.45 -6.23
CA VAL B 45 1.30 11.68 -5.42
C VAL B 45 0.77 12.57 -4.30
N LYS B 46 -0.48 13.01 -4.42
CA LYS B 46 -1.08 13.83 -3.38
C LYS B 46 -1.72 12.95 -2.31
N MET B 47 -1.45 13.29 -1.05
CA MET B 47 -1.89 12.49 0.08
C MET B 47 -3.21 13.02 0.65
N LEU B 48 -3.98 12.12 1.25
CA LEU B 48 -5.06 12.54 2.12
C LEU B 48 -4.48 12.85 3.49
N CYS B 49 -4.95 13.94 4.10
CA CYS B 49 -4.47 14.32 5.43
C CYS B 49 -5.44 15.32 6.03
N THR B 50 -5.21 15.66 7.31
CA THR B 50 -6.12 16.55 8.04
C THR B 50 -6.07 17.99 7.52
N HIS B 51 -4.93 18.42 6.98
CA HIS B 51 -4.69 19.83 6.69
C HIS B 51 -4.73 20.69 7.95
N THR B 52 -4.41 20.08 9.09
CA THR B 52 -4.17 20.80 10.33
C THR B 52 -2.74 20.55 10.80
N GLY B 53 -1.79 20.38 9.86
CA GLY B 53 -0.44 20.01 10.20
C GLY B 53 0.45 21.22 10.40
N THR B 54 1.70 20.95 10.79
CA THR B 54 2.64 22.01 11.15
C THR B 54 2.94 22.95 9.98
N GLY B 55 2.71 22.53 8.74
CA GLY B 55 3.03 23.39 7.63
C GLY B 55 4.51 23.42 7.23
N GLN B 56 5.37 22.67 7.91
CA GLN B 56 6.77 22.61 7.52
C GLN B 56 6.92 21.97 6.13
N ALA B 57 8.12 22.16 5.55
CA ALA B 57 8.30 21.91 4.12
C ALA B 57 8.42 20.42 3.82
N ILE B 58 9.32 19.73 4.50
CA ILE B 58 9.61 18.33 4.23
C ILE B 58 9.56 17.59 5.55
N THR B 59 8.66 16.61 5.65
CA THR B 59 8.33 16.01 6.93
C THR B 59 8.25 14.50 6.80
N VAL B 60 8.18 13.81 7.94
CA VAL B 60 8.18 12.35 7.92
C VAL B 60 6.78 11.79 7.66
N THR B 61 5.76 12.60 7.87
CA THR B 61 4.37 12.26 7.61
C THR B 61 3.76 13.53 7.05
N PRO B 62 2.62 13.43 6.34
CA PRO B 62 1.99 14.64 5.81
C PRO B 62 1.71 15.67 6.90
N GLU B 63 2.04 16.93 6.59
CA GLU B 63 1.95 18.03 7.54
C GLU B 63 1.28 19.25 6.93
N ALA B 64 0.60 19.10 5.80
CA ALA B 64 -0.10 20.21 5.18
C ALA B 64 -0.96 20.96 6.19
N ASN B 65 -0.88 22.30 6.17
CA ASN B 65 -1.82 23.13 6.90
C ASN B 65 -3.00 23.47 6.00
N MET B 66 -3.79 24.46 6.38
CA MET B 66 -5.00 24.74 5.61
C MET B 66 -4.68 25.26 4.21
N ASP B 67 -3.50 25.82 4.00
CA ASP B 67 -3.13 26.38 2.72
C ASP B 67 -2.19 25.49 1.92
N GLN B 68 -2.02 24.24 2.31
CA GLN B 68 -1.04 23.38 1.69
C GLN B 68 -1.64 22.04 1.29
N GLU B 69 -1.07 21.45 0.25
CA GLU B 69 -1.23 20.05 -0.08
C GLU B 69 0.04 19.32 0.30
N SER B 70 -0.10 18.04 0.65
CA SER B 70 1.01 17.15 0.96
C SER B 70 1.18 16.11 -0.14
N PHE B 71 2.42 15.90 -0.57
CA PHE B 71 2.72 14.91 -1.60
C PHE B 71 3.80 13.95 -1.13
N GLY B 72 3.74 12.73 -1.67
CA GLY B 72 4.82 11.78 -1.47
C GLY B 72 6.09 12.34 -2.08
N GLY B 73 7.20 12.27 -1.35
CA GLY B 73 8.39 13.04 -1.70
C GLY B 73 9.01 12.63 -3.01
N ALA B 74 9.26 11.32 -3.17
CA ALA B 74 9.90 10.84 -4.39
C ALA B 74 9.17 11.33 -5.64
N SER B 75 7.85 11.38 -5.61
CA SER B 75 7.11 11.77 -6.81
C SER B 75 7.26 13.26 -7.15
N CYS B 76 7.84 14.05 -6.26
CA CYS B 76 8.05 15.49 -6.47
C CYS B 76 9.51 15.85 -6.72
N CYS B 77 10.40 14.86 -6.76
CA CYS B 77 11.84 15.09 -6.96
C CYS B 77 12.18 14.97 -8.44
N LEU B 78 12.77 16.02 -9.00
CA LEU B 78 13.09 16.02 -10.42
C LEU B 78 14.04 14.87 -10.78
N TYR B 79 15.02 14.62 -9.93
CA TYR B 79 16.02 13.61 -10.23
C TYR B 79 15.42 12.21 -10.15
N CYS B 80 14.64 11.96 -9.09
CA CYS B 80 13.82 10.74 -9.01
C CYS B 80 12.98 10.53 -10.26
N ARG B 81 12.23 11.56 -10.68
CA ARG B 81 11.21 11.37 -11.72
C ARG B 81 11.84 11.16 -13.09
N CYS B 82 13.00 11.77 -13.34
CA CYS B 82 13.65 11.70 -14.64
C CYS B 82 14.66 10.57 -14.74
N HIS B 83 14.85 9.81 -13.66
CA HIS B 83 15.83 8.72 -13.63
C HIS B 83 17.23 9.26 -13.95
N ILE B 84 17.65 10.27 -13.19
CA ILE B 84 18.99 10.86 -13.35
C ILE B 84 19.62 11.02 -11.98
N ASP B 85 20.92 11.27 -11.98
CA ASP B 85 21.66 11.29 -10.73
C ASP B 85 21.30 12.52 -9.92
N HIS B 86 21.33 12.37 -8.61
CA HIS B 86 21.07 13.48 -7.71
C HIS B 86 22.31 14.36 -7.62
N PRO B 87 22.17 15.68 -7.70
CA PRO B 87 23.33 16.59 -7.75
C PRO B 87 23.95 16.89 -6.37
N ASN B 88 24.74 15.93 -5.91
CA ASN B 88 25.55 16.06 -4.70
C ASN B 88 26.54 14.90 -4.69
N PRO B 89 27.59 14.98 -3.85
CA PRO B 89 28.65 13.95 -3.91
C PRO B 89 28.16 12.50 -3.82
N LYS B 90 27.39 12.14 -2.80
CA LYS B 90 26.95 10.75 -2.66
C LYS B 90 25.55 10.48 -3.22
N GLY B 91 24.96 11.45 -3.92
CA GLY B 91 23.72 11.23 -4.63
C GLY B 91 22.50 11.00 -3.75
N PHE B 92 22.44 11.66 -2.60
CA PHE B 92 21.34 11.49 -1.66
C PHE B 92 20.13 12.33 -2.11
N CYS B 93 18.93 11.78 -1.89
CA CYS B 93 17.69 12.52 -2.12
C CYS B 93 17.07 12.85 -0.78
N ASP B 94 16.74 14.12 -0.56
CA ASP B 94 16.12 14.52 0.69
C ASP B 94 14.59 14.61 0.57
N LEU B 95 14.01 14.17 -0.55
CA LEU B 95 12.56 14.09 -0.68
C LEU B 95 12.04 12.67 -0.57
N LYS B 96 12.71 11.73 -1.24
CA LYS B 96 12.35 10.32 -1.22
C LYS B 96 12.12 9.84 0.20
N GLY B 97 10.96 9.21 0.42
CA GLY B 97 10.64 8.65 1.71
C GLY B 97 10.08 9.63 2.70
N LYS B 98 9.92 10.90 2.31
CA LYS B 98 9.33 11.98 3.11
C LYS B 98 8.06 12.47 2.42
N TYR B 99 7.43 13.47 3.04
CA TYR B 99 6.34 14.18 2.38
C TYR B 99 6.72 15.63 2.26
N VAL B 100 6.41 16.22 1.13
CA VAL B 100 6.71 17.62 0.87
C VAL B 100 5.38 18.37 0.83
N GLN B 101 5.34 19.50 1.53
CA GLN B 101 4.17 20.36 1.56
C GLN B 101 4.31 21.45 0.50
N ILE B 102 3.28 21.63 -0.29
CA ILE B 102 3.29 22.60 -1.37
C ILE B 102 2.12 23.55 -1.17
N PRO B 103 2.34 24.87 -1.21
CA PRO B 103 1.22 25.80 -1.15
C PRO B 103 0.16 25.42 -2.17
N THR B 104 -1.10 25.47 -1.75
CA THR B 104 -2.18 25.02 -2.61
C THR B 104 -2.19 25.75 -3.93
N THR B 105 -1.81 27.02 -3.95
CA THR B 105 -1.83 27.76 -5.21
C THR B 105 -0.69 27.37 -6.15
N CYS B 106 0.30 26.62 -5.68
CA CYS B 106 1.39 26.14 -6.54
C CYS B 106 1.34 24.63 -6.75
N ALA B 107 0.31 23.95 -6.27
CA ALA B 107 0.32 22.49 -6.27
C ALA B 107 0.20 21.89 -7.66
N ASN B 108 -0.13 22.69 -8.68
CA ASN B 108 -0.14 22.18 -10.04
C ASN B 108 1.27 21.86 -10.56
N ASP B 109 2.31 22.22 -9.82
CA ASP B 109 3.68 21.94 -10.24
C ASP B 109 4.56 21.73 -9.00
N PRO B 110 4.35 20.62 -8.28
CA PRO B 110 5.20 20.35 -7.10
C PRO B 110 6.68 20.24 -7.44
N VAL B 111 7.03 19.60 -8.56
CA VAL B 111 8.45 19.43 -8.89
C VAL B 111 9.10 20.81 -9.07
N GLY B 112 8.49 21.64 -9.90
CA GLY B 112 8.99 22.99 -10.07
C GLY B 112 9.09 23.74 -8.75
N PHE B 113 8.06 23.61 -7.91
CA PHE B 113 8.09 24.35 -6.66
C PHE B 113 9.27 23.94 -5.80
N THR B 114 9.45 22.63 -5.59
CA THR B 114 10.53 22.19 -4.69
C THR B 114 11.89 22.57 -5.22
N LEU B 115 12.01 22.61 -6.55
CA LEU B 115 13.28 22.91 -7.21
C LEU B 115 13.63 24.39 -7.09
N LYS B 116 12.63 25.27 -7.26
CA LYS B 116 12.82 26.71 -7.24
C LYS B 116 12.78 27.32 -5.85
N ASN B 117 12.64 26.54 -4.78
CA ASN B 117 12.46 27.13 -3.46
C ASN B 117 13.40 26.48 -2.47
N THR B 118 13.49 27.10 -1.30
CA THR B 118 14.46 26.75 -0.28
C THR B 118 13.77 26.64 1.07
N VAL B 119 14.27 25.72 1.90
CA VAL B 119 13.75 25.44 3.23
C VAL B 119 14.60 26.17 4.26
N CYS B 120 13.96 26.95 5.13
CA CYS B 120 14.69 27.57 6.24
C CYS B 120 15.26 26.52 7.17
N THR B 121 16.56 26.60 7.42
CA THR B 121 17.24 25.59 8.22
C THR B 121 16.95 25.71 9.71
N VAL B 122 16.21 26.72 10.16
CA VAL B 122 15.92 26.92 11.57
C VAL B 122 14.47 26.54 11.91
N CYS B 123 13.50 27.10 11.18
CA CYS B 123 12.12 26.75 11.50
C CYS B 123 11.55 25.62 10.66
N GLY B 124 12.17 25.28 9.53
CA GLY B 124 11.72 24.17 8.71
C GLY B 124 10.60 24.50 7.73
N MET B 125 10.16 25.76 7.67
CA MET B 125 9.18 26.21 6.70
C MET B 125 9.88 26.61 5.40
N TRP B 126 9.09 26.75 4.34
CA TRP B 126 9.60 27.29 3.09
C TRP B 126 9.86 28.78 3.25
N LYS B 127 11.05 29.23 2.84
CA LYS B 127 11.34 30.66 2.90
C LYS B 127 10.42 31.39 1.92
N GLY B 128 9.68 32.38 2.42
CA GLY B 128 8.69 33.06 1.62
C GLY B 128 7.33 32.40 1.59
N TYR B 129 7.14 31.27 2.26
CA TYR B 129 5.88 30.56 2.28
C TYR B 129 5.63 29.98 3.66
N GLY B 130 5.83 30.81 4.68
CA GLY B 130 5.59 30.34 6.03
C GLY B 130 6.71 30.65 7.00
N CYS B 131 7.93 30.79 6.50
CA CYS B 131 9.05 31.12 7.37
C CYS B 131 8.97 32.57 7.82
N SER B 132 8.89 32.78 9.13
CA SER B 132 8.71 34.12 9.69
C SER B 132 9.92 34.55 10.51
N CYS B 133 11.09 34.01 10.20
CA CYS B 133 12.31 34.26 10.97
C CYS B 133 12.98 35.59 10.64
N ASP B 134 12.42 36.36 9.71
CA ASP B 134 13.11 37.54 9.17
C ASP B 134 12.29 38.82 9.35
N GLN B 135 11.38 38.87 10.32
CA GLN B 135 10.56 40.06 10.49
C GLN B 135 10.97 40.87 11.72
#